data_2J5H
#
_entry.id   2J5H
#
_cell.length_a   1.000
_cell.length_b   1.000
_cell.length_c   1.000
_cell.angle_alpha   90.00
_cell.angle_beta   90.00
_cell.angle_gamma   90.00
#
_symmetry.space_group_name_H-M   'P 1'
#
_entity_poly.entity_id   1
_entity_poly.type   'polypeptide(L)'
_entity_poly.pdbx_seq_one_letter_code
;(ACE)KEHCGSILHGTWLPKKCSLCRCWHGQLHCLPQTFLPGCD(NH2)
;
_entity_poly.pdbx_strand_id   A
#
loop_
_chem_comp.id
_chem_comp.type
_chem_comp.name
_chem_comp.formula
ACE non-polymer 'ACETYL GROUP' 'C2 H4 O'
NH2 non-polymer 'AMINO GROUP' 'H2 N'
#
# COMPACT_ATOMS: atom_id res chain seq x y z
C ACE A 1 -3.56 -11.00 -15.53
O ACE A 1 -4.31 -10.11 -15.91
CH3 ACE A 1 -2.05 -10.82 -15.64
H1 ACE A 1 -1.83 -9.82 -16.03
H2 ACE A 1 -1.60 -10.91 -14.66
H3 ACE A 1 -1.63 -11.56 -16.31
N LYS A 2 -3.99 -12.15 -15.02
CA LYS A 2 -5.41 -12.41 -14.74
C LYS A 2 -5.79 -11.66 -13.46
N GLU A 3 -5.86 -10.33 -13.55
CA GLU A 3 -6.15 -9.44 -12.45
C GLU A 3 -6.95 -8.24 -12.95
N HIS A 4 -7.68 -7.61 -12.02
CA HIS A 4 -8.46 -6.39 -12.25
C HIS A 4 -8.19 -5.37 -11.16
N CYS A 5 -7.04 -5.46 -10.47
CA CYS A 5 -6.58 -4.48 -9.51
C CYS A 5 -5.21 -4.85 -8.95
N GLY A 6 -4.73 -4.06 -7.99
CA GLY A 6 -3.57 -4.33 -7.15
C GLY A 6 -3.89 -5.35 -6.06
N SER A 7 -3.50 -5.05 -4.82
CA SER A 7 -3.32 -6.04 -3.75
C SER A 7 -3.10 -5.29 -2.44
N ILE A 8 -2.27 -5.80 -1.52
CA ILE A 8 -2.00 -5.29 -0.19
C ILE A 8 -0.48 -5.31 -0.07
N LEU A 9 0.07 -4.43 0.77
CA LEU A 9 1.51 -4.25 0.93
C LEU A 9 1.75 -3.73 2.36
N HIS A 10 2.98 -3.31 2.60
CA HIS A 10 3.64 -2.91 3.85
C HIS A 10 5.13 -2.80 3.49
N GLY A 11 5.42 -1.76 2.70
CA GLY A 11 6.77 -1.28 2.44
C GLY A 11 7.29 -0.68 3.74
N THR A 12 7.77 -1.57 4.61
CA THR A 12 8.17 -1.29 5.98
C THR A 12 9.20 -2.32 6.46
N TRP A 13 8.83 -3.61 6.36
CA TRP A 13 9.46 -4.77 6.98
C TRP A 13 9.74 -4.62 8.48
N LEU A 14 10.17 -5.75 9.08
CA LEU A 14 10.34 -5.89 10.52
C LEU A 14 8.96 -5.63 11.20
N PRO A 15 8.80 -5.46 12.52
CA PRO A 15 7.48 -5.30 13.13
C PRO A 15 6.95 -3.88 12.90
N LYS A 16 6.57 -3.54 11.66
CA LYS A 16 6.05 -2.21 11.31
C LYS A 16 4.84 -2.32 10.39
N LYS A 17 3.97 -1.29 10.45
CA LYS A 17 2.67 -1.25 9.77
C LYS A 17 2.50 0.12 9.11
N CYS A 18 3.23 0.34 8.01
CA CYS A 18 3.25 1.60 7.26
C CYS A 18 3.47 1.22 5.79
N SER A 19 2.81 1.93 4.85
CA SER A 19 2.81 1.66 3.40
C SER A 19 1.75 0.60 3.05
N LEU A 20 1.06 0.76 1.91
CA LEU A 20 -0.09 -0.05 1.52
C LEU A 20 -0.24 -0.04 -0.01
N CYS A 21 -1.40 -0.49 -0.49
CA CYS A 21 -1.90 -0.44 -1.86
C CYS A 21 -3.40 -0.15 -1.79
N ARG A 22 -4.06 -0.25 -2.94
CA ARG A 22 -5.49 -0.49 -3.02
C ARG A 22 -5.71 -1.57 -4.09
N CYS A 23 -6.97 -1.92 -4.30
CA CYS A 23 -7.42 -2.71 -5.41
C CYS A 23 -8.50 -1.89 -6.12
N TRP A 24 -8.17 -1.22 -7.23
CA TRP A 24 -9.15 -0.59 -8.12
C TRP A 24 -8.89 -1.06 -9.56
N HIS A 25 -9.89 -0.95 -10.44
CA HIS A 25 -9.90 -1.48 -11.81
C HIS A 25 -8.80 -0.93 -12.74
N GLY A 26 -8.11 0.13 -12.32
CA GLY A 26 -7.02 0.73 -13.07
C GLY A 26 -6.58 2.04 -12.43
N GLN A 27 -6.66 2.15 -11.09
CA GLN A 27 -6.38 3.40 -10.39
C GLN A 27 -5.73 3.01 -9.07
N LEU A 28 -4.64 3.68 -8.69
CA LEU A 28 -3.82 3.41 -7.50
C LEU A 28 -3.27 1.98 -7.51
N HIS A 29 -1.99 1.82 -7.87
CA HIS A 29 -1.27 0.56 -7.69
C HIS A 29 -0.93 0.37 -6.21
N CYS A 30 0.23 0.87 -5.76
CA CYS A 30 0.77 0.65 -4.42
C CYS A 30 1.54 1.88 -3.98
N LEU A 31 1.06 2.54 -2.91
CA LEU A 31 1.61 3.75 -2.32
C LEU A 31 1.20 3.80 -0.84
N PRO A 32 1.96 4.51 0.03
CA PRO A 32 1.56 4.78 1.41
C PRO A 32 0.37 5.76 1.43
N GLN A 33 0.61 7.04 1.07
CA GLN A 33 -0.39 8.11 0.99
C GLN A 33 -0.84 8.48 2.41
N THR A 34 0.09 9.09 3.17
CA THR A 34 -0.05 9.51 4.56
C THR A 34 -0.56 8.42 5.52
N PHE A 35 -0.44 7.14 5.12
CA PHE A 35 -0.96 5.98 5.85
C PHE A 35 -0.58 5.97 7.34
N LEU A 36 0.65 6.39 7.69
CA LEU A 36 1.05 6.62 9.07
C LEU A 36 2.10 7.74 9.10
N PRO A 37 1.73 9.01 9.39
CA PRO A 37 2.66 10.14 9.40
C PRO A 37 3.62 10.08 10.61
N GLY A 38 4.53 9.11 10.58
CA GLY A 38 5.56 8.87 11.56
C GLY A 38 6.53 7.75 11.15
N CYS A 39 6.44 7.28 9.90
CA CYS A 39 6.99 6.01 9.48
C CYS A 39 6.95 5.97 7.96
N ASP A 40 7.86 6.73 7.34
CA ASP A 40 7.88 6.99 5.90
C ASP A 40 6.55 7.65 5.46
N NH2 A 41 6.23 7.65 4.17
HN1 NH2 A 41 6.82 7.19 3.48
HN2 NH2 A 41 5.38 8.10 3.89
C ACE A 1 -2.35 -10.92 -14.91
O ACE A 1 -2.00 -9.88 -14.37
CH3 ACE A 1 -1.54 -12.20 -14.71
H1 ACE A 1 -0.65 -11.97 -14.14
H2 ACE A 1 -2.13 -12.94 -14.18
H3 ACE A 1 -1.24 -12.59 -15.69
N LYS A 2 -3.47 -11.01 -15.64
CA LYS A 2 -4.39 -9.91 -15.95
C LYS A 2 -5.19 -9.38 -14.74
N GLU A 3 -4.60 -9.41 -13.55
CA GLU A 3 -5.22 -9.25 -12.23
C GLU A 3 -6.14 -8.04 -12.15
N HIS A 4 -5.60 -6.81 -12.27
CA HIS A 4 -6.29 -5.53 -12.04
C HIS A 4 -7.13 -5.51 -10.75
N CYS A 5 -6.74 -6.24 -9.71
CA CYS A 5 -7.20 -6.03 -8.35
C CYS A 5 -6.19 -6.70 -7.40
N GLY A 6 -5.33 -5.90 -6.76
CA GLY A 6 -4.50 -6.34 -5.63
C GLY A 6 -3.05 -5.93 -5.82
N SER A 7 -2.55 -5.02 -4.98
CA SER A 7 -1.15 -4.60 -5.00
C SER A 7 -0.56 -4.42 -3.59
N ILE A 8 -1.14 -5.13 -2.62
CA ILE A 8 -0.88 -5.10 -1.18
C ILE A 8 0.63 -5.24 -0.89
N LEU A 9 1.08 -4.60 0.18
CA LEU A 9 2.49 -4.34 0.46
C LEU A 9 2.74 -4.28 1.98
N HIS A 10 3.94 -3.82 2.35
CA HIS A 10 4.75 -4.07 3.56
C HIS A 10 6.24 -4.06 3.16
N GLY A 11 6.78 -2.92 2.67
CA GLY A 11 8.19 -2.79 2.32
C GLY A 11 9.09 -2.62 3.55
N THR A 12 8.70 -3.20 4.69
CA THR A 12 9.05 -2.75 6.02
C THR A 12 9.09 -3.95 6.97
N TRP A 13 9.89 -3.84 8.02
CA TRP A 13 10.04 -4.85 9.05
C TRP A 13 8.95 -4.74 10.12
N LEU A 14 8.87 -5.78 10.97
CA LEU A 14 7.64 -6.22 11.63
C LEU A 14 6.56 -6.53 10.57
N PRO A 15 5.39 -7.09 10.93
CA PRO A 15 4.38 -7.43 9.94
C PRO A 15 3.68 -6.15 9.47
N LYS A 16 4.33 -5.41 8.54
CA LYS A 16 3.93 -4.05 8.11
C LYS A 16 4.28 -3.07 9.23
N LYS A 17 4.06 -1.79 8.91
CA LYS A 17 4.22 -0.60 9.74
C LYS A 17 3.95 0.59 8.82
N CYS A 18 4.55 0.57 7.62
CA CYS A 18 4.61 1.69 6.69
C CYS A 18 4.80 1.06 5.32
N SER A 19 3.78 1.08 4.45
CA SER A 19 3.61 0.40 3.16
C SER A 19 2.30 -0.39 3.21
N LEU A 20 1.33 -0.02 2.39
CA LEU A 20 0.14 -0.82 2.12
C LEU A 20 -0.38 -0.41 0.74
N CYS A 21 -1.44 -1.06 0.25
CA CYS A 21 -2.10 -0.79 -1.02
C CYS A 21 -3.49 -1.40 -0.98
N ARG A 22 -4.17 -1.42 -2.13
CA ARG A 22 -5.54 -1.87 -2.28
C ARG A 22 -5.70 -2.80 -3.48
N CYS A 23 -6.94 -3.19 -3.75
CA CYS A 23 -7.42 -4.05 -4.81
C CYS A 23 -8.56 -3.27 -5.46
N TRP A 24 -8.28 -2.59 -6.57
CA TRP A 24 -9.30 -1.98 -7.41
C TRP A 24 -8.78 -1.98 -8.85
N HIS A 25 -9.65 -1.76 -9.84
CA HIS A 25 -9.30 -1.86 -11.26
C HIS A 25 -8.64 -0.56 -11.73
N GLY A 26 -7.36 -0.36 -11.37
CA GLY A 26 -6.55 0.79 -11.79
C GLY A 26 -5.86 1.51 -10.64
N GLN A 27 -6.07 1.06 -9.40
CA GLN A 27 -5.33 1.43 -8.19
C GLN A 27 -4.84 2.86 -8.09
N LEU A 28 -5.82 3.76 -7.94
CA LEU A 28 -5.77 5.10 -7.32
C LEU A 28 -4.33 5.57 -7.02
N HIS A 29 -3.80 5.21 -5.84
CA HIS A 29 -2.39 4.91 -5.59
C HIS A 29 -2.37 3.87 -4.46
N CYS A 30 -1.22 3.25 -4.21
CA CYS A 30 -0.95 2.63 -2.92
C CYS A 30 -0.83 3.72 -1.84
N LEU A 31 -0.82 3.32 -0.56
CA LEU A 31 -0.73 4.22 0.57
C LEU A 31 0.10 3.53 1.64
N PRO A 32 1.24 4.11 2.07
CA PRO A 32 2.05 3.50 3.10
C PRO A 32 1.38 3.55 4.47
N GLN A 33 0.61 4.62 4.72
CA GLN A 33 -0.46 4.68 5.72
C GLN A 33 -1.37 5.86 5.31
N THR A 34 -0.89 7.11 5.47
CA THR A 34 -1.65 8.34 5.26
C THR A 34 -1.16 9.11 4.01
N PHE A 35 0.05 8.79 3.51
CA PHE A 35 0.74 9.51 2.44
C PHE A 35 0.74 11.03 2.68
N LEU A 36 1.27 11.43 3.83
CA LEU A 36 1.68 12.81 4.11
C LEU A 36 2.96 12.72 4.93
N PRO A 37 2.96 12.15 6.16
CA PRO A 37 4.10 11.37 6.60
C PRO A 37 4.21 10.14 5.69
N GLY A 38 5.44 9.76 5.33
CA GLY A 38 5.70 8.51 4.65
C GLY A 38 5.51 7.32 5.58
N CYS A 39 5.77 7.52 6.87
CA CYS A 39 5.87 6.47 7.86
C CYS A 39 5.61 7.08 9.24
N ASP A 40 4.33 7.36 9.49
CA ASP A 40 3.82 7.77 10.79
C ASP A 40 4.15 6.72 11.85
N NH2 A 41 5.18 6.95 12.66
HN1 NH2 A 41 5.76 7.77 12.51
HN2 NH2 A 41 5.42 6.27 13.36
C ACE A 1 -6.32 -10.52 -17.44
O ACE A 1 -5.70 -9.66 -18.04
CH3 ACE A 1 -6.06 -12.00 -17.73
H1 ACE A 1 -5.55 -12.10 -18.68
H2 ACE A 1 -5.43 -12.42 -16.94
H3 ACE A 1 -7.00 -12.55 -17.78
N LYS A 2 -7.25 -10.24 -16.53
CA LYS A 2 -7.79 -8.91 -16.27
C LYS A 2 -7.63 -8.52 -14.80
N GLU A 3 -6.38 -8.46 -14.33
CA GLU A 3 -5.99 -8.17 -12.94
C GLU A 3 -6.23 -6.70 -12.51
N HIS A 4 -7.41 -6.15 -12.80
CA HIS A 4 -7.83 -4.79 -12.45
C HIS A 4 -8.13 -4.62 -10.94
N CYS A 5 -7.38 -5.33 -10.07
CA CYS A 5 -7.58 -5.33 -8.62
C CYS A 5 -6.23 -5.12 -7.93
N GLY A 6 -5.84 -5.97 -6.98
CA GLY A 6 -4.69 -5.66 -6.14
C GLY A 6 -4.48 -6.54 -4.92
N SER A 7 -3.69 -6.01 -3.98
CA SER A 7 -3.05 -6.73 -2.89
C SER A 7 -2.56 -5.70 -1.86
N ILE A 8 -1.73 -6.13 -0.92
CA ILE A 8 -1.38 -5.48 0.34
C ILE A 8 0.11 -5.08 0.34
N LEU A 9 0.48 -4.12 1.19
CA LEU A 9 1.84 -3.61 1.41
C LEU A 9 1.90 -3.06 2.85
N HIS A 10 3.01 -2.41 3.21
CA HIS A 10 3.38 -1.89 4.53
C HIS A 10 4.54 -0.87 4.42
N GLY A 11 4.93 -0.45 3.21
CA GLY A 11 6.09 0.36 2.90
C GLY A 11 7.38 -0.33 3.34
N THR A 12 7.68 -0.21 4.63
CA THR A 12 8.75 -0.87 5.36
C THR A 12 8.56 -2.40 5.28
N TRP A 13 9.66 -3.13 5.40
CA TRP A 13 9.68 -4.58 5.44
C TRP A 13 9.37 -5.10 6.85
N LEU A 14 9.14 -6.40 6.97
CA LEU A 14 8.36 -6.99 8.07
C LEU A 14 6.95 -6.34 8.11
N PRO A 15 6.05 -6.68 9.05
CA PRO A 15 4.71 -6.05 9.13
C PRO A 15 4.79 -4.63 9.75
N LYS A 16 5.84 -3.85 9.43
CA LYS A 16 6.03 -2.52 9.98
C LYS A 16 5.06 -1.57 9.29
N LYS A 17 4.02 -1.08 9.97
CA LYS A 17 2.97 -0.24 9.39
C LYS A 17 3.49 1.13 8.90
N CYS A 18 4.01 1.20 7.66
CA CYS A 18 4.47 2.43 7.00
C CYS A 18 3.90 2.60 5.58
N SER A 19 2.95 1.76 5.18
CA SER A 19 2.10 1.89 4.01
C SER A 19 0.95 0.90 4.19
N LEU A 20 0.10 0.85 3.18
CA LEU A 20 -0.82 -0.23 2.92
C LEU A 20 -1.01 -0.25 1.41
N CYS A 21 -1.87 -1.12 0.91
CA CYS A 21 -2.15 -1.22 -0.50
C CYS A 21 -3.53 -1.86 -0.65
N ARG A 22 -4.11 -1.72 -1.83
CA ARG A 22 -5.51 -2.04 -2.11
C ARG A 22 -5.63 -2.34 -3.60
N CYS A 23 -6.73 -2.98 -3.99
CA CYS A 23 -7.14 -3.04 -5.38
C CYS A 23 -7.36 -1.64 -5.97
N TRP A 24 -6.99 -1.44 -7.25
CA TRP A 24 -7.55 -0.37 -8.07
C TRP A 24 -7.42 -0.71 -9.57
N HIS A 25 -8.06 0.10 -10.43
CA HIS A 25 -8.16 -0.13 -11.88
C HIS A 25 -6.79 -0.24 -12.56
N GLY A 26 -5.76 0.45 -12.06
CA GLY A 26 -4.42 0.44 -12.64
C GLY A 26 -3.55 -0.72 -12.16
N GLN A 27 -4.11 -1.63 -11.34
CA GLN A 27 -3.42 -2.64 -10.55
C GLN A 27 -2.67 -1.98 -9.39
N LEU A 28 -2.98 -2.45 -8.17
CA LEU A 28 -2.51 -2.04 -6.86
C LEU A 28 -1.52 -0.85 -6.75
N HIS A 29 -2.05 0.32 -6.37
CA HIS A 29 -1.32 1.61 -6.34
C HIS A 29 -0.40 1.81 -5.12
N CYS A 30 -0.44 0.90 -4.13
CA CYS A 30 0.22 0.91 -2.82
C CYS A 30 0.71 2.27 -2.30
N LEU A 31 -0.14 2.98 -1.56
CA LEU A 31 0.10 4.37 -1.16
C LEU A 31 -0.38 4.55 0.29
N PRO A 32 0.48 5.09 1.19
CA PRO A 32 0.13 5.34 2.59
C PRO A 32 -0.93 6.43 2.71
N GLN A 33 -0.58 7.65 2.25
CA GLN A 33 -1.33 8.91 2.26
C GLN A 33 -1.52 9.47 3.67
N THR A 34 -2.02 8.62 4.56
CA THR A 34 -2.34 8.88 5.96
C THR A 34 -1.81 7.75 6.85
N PHE A 35 -1.26 6.68 6.26
CA PHE A 35 -0.95 5.43 6.93
C PHE A 35 0.32 5.53 7.78
N LEU A 36 0.17 6.15 8.96
CA LEU A 36 1.23 6.63 9.86
C LEU A 36 2.11 7.67 9.15
N PRO A 37 1.77 8.97 9.22
CA PRO A 37 2.54 10.06 8.60
C PRO A 37 3.82 10.37 9.39
N GLY A 38 4.65 9.36 9.59
CA GLY A 38 5.96 9.43 10.20
C GLY A 38 6.98 8.50 9.54
N CYS A 39 6.58 7.81 8.47
CA CYS A 39 7.30 6.70 7.88
C CYS A 39 6.63 6.45 6.53
N ASP A 40 6.93 7.31 5.54
CA ASP A 40 6.30 7.29 4.22
C ASP A 40 6.66 6.04 3.39
N NH2 A 41 7.66 5.26 3.80
HN1 NH2 A 41 8.15 5.46 4.65
HN2 NH2 A 41 7.88 4.43 3.25
C ACE A 1 -2.80 -5.57 -10.25
O ACE A 1 -2.73 -6.09 -11.36
CH3 ACE A 1 -2.67 -4.07 -10.09
H1 ACE A 1 -2.77 -3.59 -11.07
H2 ACE A 1 -3.45 -3.69 -9.42
H3 ACE A 1 -1.69 -3.83 -9.68
N LYS A 2 -2.96 -6.29 -9.13
CA LYS A 2 -3.29 -7.72 -9.16
C LYS A 2 -4.80 -7.92 -9.16
N GLU A 3 -5.22 -9.12 -9.60
CA GLU A 3 -6.59 -9.55 -9.87
C GLU A 3 -7.44 -8.37 -10.38
N HIS A 4 -8.44 -7.92 -9.62
CA HIS A 4 -9.04 -6.61 -9.77
C HIS A 4 -9.09 -5.95 -8.40
N CYS A 5 -7.91 -5.81 -7.76
CA CYS A 5 -7.77 -5.19 -6.45
C CYS A 5 -6.76 -4.03 -6.53
N GLY A 6 -5.51 -4.21 -6.11
CA GLY A 6 -4.56 -3.12 -5.87
C GLY A 6 -3.15 -3.48 -6.26
N SER A 7 -2.21 -2.60 -5.89
CA SER A 7 -0.79 -2.86 -6.17
C SER A 7 -0.01 -3.20 -4.89
N ILE A 8 1.10 -2.49 -4.61
CA ILE A 8 2.07 -2.86 -3.57
C ILE A 8 1.43 -2.70 -2.17
N LEU A 9 1.96 -3.37 -1.15
CA LEU A 9 1.53 -3.21 0.24
C LEU A 9 2.71 -3.54 1.15
N HIS A 10 2.85 -2.75 2.22
CA HIS A 10 3.69 -2.97 3.40
C HIS A 10 5.10 -3.47 3.03
N GLY A 11 5.78 -2.73 2.15
CA GLY A 11 7.14 -3.08 1.73
C GLY A 11 8.17 -2.70 2.80
N THR A 12 7.93 -1.58 3.48
CA THR A 12 8.65 -1.12 4.66
C THR A 12 8.48 -2.15 5.80
N TRP A 13 9.38 -3.13 5.90
CA TRP A 13 9.21 -4.25 6.83
C TRP A 13 9.77 -3.94 8.23
N LEU A 14 9.41 -4.79 9.21
CA LEU A 14 9.21 -4.43 10.62
C LEU A 14 8.04 -3.41 10.73
N PRO A 15 7.59 -2.97 11.93
CA PRO A 15 6.45 -2.07 12.03
C PRO A 15 6.85 -0.65 11.63
N LYS A 16 6.84 -0.37 10.33
CA LYS A 16 7.25 0.89 9.73
C LYS A 16 6.04 1.66 9.18
N LYS A 17 6.29 2.71 8.39
CA LYS A 17 5.30 3.15 7.40
C LYS A 17 5.21 2.08 6.31
N CYS A 18 4.71 0.89 6.67
CA CYS A 18 4.50 -0.25 5.82
C CYS A 18 3.54 0.23 4.76
N SER A 19 4.08 0.36 3.55
CA SER A 19 3.52 0.92 2.35
C SER A 19 2.00 0.77 2.26
N LEU A 20 1.25 1.85 1.99
CA LEU A 20 -0.20 1.84 2.18
C LEU A 20 -0.94 1.37 0.94
N CYS A 21 -0.79 2.07 -0.19
CA CYS A 21 -1.53 1.82 -1.43
C CYS A 21 -3.05 1.97 -1.26
N ARG A 22 -3.76 1.67 -2.35
CA ARG A 22 -5.20 1.62 -2.44
C ARG A 22 -5.56 0.53 -3.44
N CYS A 23 -6.20 -0.54 -2.96
CA CYS A 23 -6.90 -1.49 -3.82
C CYS A 23 -8.21 -0.85 -4.29
N TRP A 24 -8.62 -1.11 -5.53
CA TRP A 24 -9.89 -0.65 -6.07
C TRP A 24 -10.42 -1.60 -7.15
N HIS A 25 -9.67 -1.79 -8.24
CA HIS A 25 -10.11 -2.59 -9.39
C HIS A 25 -8.98 -3.18 -10.23
N GLY A 26 -7.76 -3.30 -9.67
CA GLY A 26 -6.56 -3.75 -10.36
C GLY A 26 -5.82 -2.53 -10.90
N GLN A 27 -5.69 -1.49 -10.07
CA GLN A 27 -5.23 -0.17 -10.46
C GLN A 27 -4.50 0.48 -9.30
N LEU A 28 -3.99 1.68 -9.57
CA LEU A 28 -3.32 2.64 -8.69
C LEU A 28 -1.86 2.23 -8.44
N HIS A 29 -0.94 3.11 -8.86
CA HIS A 29 0.50 2.93 -8.64
C HIS A 29 0.86 2.97 -7.16
N CYS A 30 0.01 3.55 -6.29
CA CYS A 30 0.15 3.54 -4.83
C CYS A 30 1.36 4.38 -4.38
N LEU A 31 1.34 4.84 -3.12
CA LEU A 31 2.27 5.82 -2.60
C LEU A 31 2.55 5.53 -1.11
N PRO A 32 3.73 4.99 -0.75
CA PRO A 32 4.12 4.67 0.61
C PRO A 32 4.77 5.87 1.34
N GLN A 33 4.55 7.08 0.82
CA GLN A 33 5.17 8.32 1.25
C GLN A 33 4.71 8.66 2.67
N THR A 34 3.54 9.30 2.82
CA THR A 34 3.00 9.75 4.10
C THR A 34 1.49 9.46 4.19
N PHE A 35 0.89 8.85 3.16
CA PHE A 35 -0.55 8.86 2.91
C PHE A 35 -1.38 8.33 4.09
N LEU A 36 -0.91 7.25 4.75
CA LEU A 36 -1.34 6.84 6.08
C LEU A 36 -0.25 5.92 6.66
N PRO A 37 0.57 6.36 7.62
CA PRO A 37 1.51 5.49 8.34
C PRO A 37 0.77 4.53 9.28
N GLY A 38 1.51 3.57 9.86
CA GLY A 38 1.03 2.78 11.00
C GLY A 38 0.84 1.29 10.72
N CYS A 39 1.24 0.82 9.54
CA CYS A 39 1.40 -0.60 9.25
C CYS A 39 0.09 -1.42 9.27
N ASP A 40 -1.07 -0.75 9.23
CA ASP A 40 -2.41 -1.31 9.45
C ASP A 40 -2.62 -2.66 8.75
N NH2 A 41 -3.01 -3.68 9.49
HN1 NH2 A 41 -3.17 -3.57 10.48
HN2 NH2 A 41 -3.16 -4.59 9.06
C ACE A 1 -11.20 -9.96 -9.52
O ACE A 1 -10.79 -9.01 -10.19
CH3 ACE A 1 -11.46 -11.31 -10.16
H1 ACE A 1 -11.27 -11.25 -11.23
H2 ACE A 1 -10.81 -12.06 -9.72
H3 ACE A 1 -12.50 -11.59 -10.01
N LYS A 2 -11.40 -9.85 -8.20
CA LYS A 2 -11.27 -8.60 -7.46
C LYS A 2 -9.84 -8.07 -7.32
N GLU A 3 -8.88 -8.79 -7.90
CA GLU A 3 -7.46 -8.43 -7.98
C GLU A 3 -7.28 -7.30 -9.00
N HIS A 4 -7.05 -7.64 -10.28
CA HIS A 4 -6.44 -6.80 -11.32
C HIS A 4 -5.03 -6.34 -10.91
N CYS A 5 -4.00 -7.05 -11.39
CA CYS A 5 -2.58 -6.66 -11.28
C CYS A 5 -2.08 -6.67 -9.83
N GLY A 6 -0.84 -6.23 -9.57
CA GLY A 6 -0.30 -6.04 -8.23
C GLY A 6 0.89 -5.10 -8.29
N SER A 7 0.92 -4.05 -7.46
CA SER A 7 2.11 -3.25 -7.21
C SER A 7 2.24 -3.28 -5.70
N ILE A 8 3.44 -3.50 -5.16
CA ILE A 8 3.68 -3.62 -3.72
C ILE A 8 4.82 -2.66 -3.33
N LEU A 9 4.90 -2.34 -2.03
CA LEU A 9 5.92 -1.51 -1.41
C LEU A 9 6.40 -2.21 -0.13
N HIS A 10 5.97 -1.74 1.05
CA HIS A 10 6.62 -2.00 2.33
C HIS A 10 5.63 -2.02 3.51
N GLY A 11 4.34 -1.79 3.29
CA GLY A 11 3.27 -1.81 4.29
C GLY A 11 2.80 -3.23 4.52
N THR A 12 3.73 -4.07 4.98
CA THR A 12 3.60 -5.47 5.33
C THR A 12 2.62 -5.69 6.49
N TRP A 13 1.33 -5.38 6.29
CA TRP A 13 0.26 -5.61 7.26
C TRP A 13 0.58 -4.97 8.62
N LEU A 14 0.01 -5.48 9.71
CA LEU A 14 0.38 -5.19 11.11
C LEU A 14 1.89 -4.81 11.23
N PRO A 15 2.84 -5.68 10.87
CA PRO A 15 4.29 -5.44 10.87
C PRO A 15 4.84 -4.69 9.62
N LYS A 16 4.07 -3.74 9.08
CA LYS A 16 4.51 -2.73 8.11
C LYS A 16 5.89 -2.16 8.42
N LYS A 17 6.67 -1.91 7.35
CA LYS A 17 8.02 -1.36 7.42
C LYS A 17 8.06 0.09 6.93
N CYS A 18 7.36 0.45 5.85
CA CYS A 18 7.30 1.85 5.39
C CYS A 18 5.89 2.28 4.94
N SER A 19 5.38 1.80 3.80
CA SER A 19 4.06 2.15 3.29
C SER A 19 3.50 1.08 2.36
N LEU A 20 2.17 0.93 2.38
CA LEU A 20 1.43 -0.10 1.66
C LEU A 20 1.26 0.30 0.19
N CYS A 21 1.09 -0.70 -0.66
CA CYS A 21 0.76 -0.59 -2.06
C CYS A 21 -0.02 -1.86 -2.39
N ARG A 22 -0.79 -1.83 -3.47
CA ARG A 22 -1.52 -2.95 -4.06
C ARG A 22 -1.76 -2.54 -5.51
N CYS A 23 -2.38 -3.40 -6.30
CA CYS A 23 -3.13 -2.96 -7.46
C CYS A 23 -4.58 -3.34 -7.19
N TRP A 24 -5.52 -2.70 -7.87
CA TRP A 24 -6.92 -3.03 -7.76
C TRP A 24 -7.60 -2.92 -9.12
N HIS A 25 -8.87 -3.35 -9.21
CA HIS A 25 -9.65 -3.51 -10.44
C HIS A 25 -10.14 -2.14 -10.97
N GLY A 26 -9.21 -1.18 -11.10
CA GLY A 26 -9.47 0.18 -11.58
C GLY A 26 -9.42 1.23 -10.47
N GLN A 27 -8.76 0.94 -9.32
CA GLN A 27 -8.73 1.83 -8.17
C GLN A 27 -7.35 1.81 -7.51
N LEU A 28 -7.12 2.82 -6.66
CA LEU A 28 -5.97 3.01 -5.77
C LEU A 28 -4.69 3.37 -6.54
N HIS A 29 -3.74 4.03 -5.86
CA HIS A 29 -2.46 4.48 -6.41
C HIS A 29 -1.30 4.26 -5.41
N CYS A 30 -1.47 3.36 -4.44
CA CYS A 30 -0.54 2.94 -3.41
C CYS A 30 -0.33 3.99 -2.30
N LEU A 31 -0.73 3.62 -1.08
CA LEU A 31 -0.68 4.49 0.11
C LEU A 31 -0.79 3.60 1.37
N PRO A 32 -0.31 4.05 2.55
CA PRO A 32 -0.29 3.27 3.79
C PRO A 32 -1.71 3.19 4.39
N GLN A 33 -2.23 4.31 4.90
CA GLN A 33 -3.60 4.50 5.34
C GLN A 33 -3.89 6.00 5.48
N THR A 34 -3.05 6.71 6.25
CA THR A 34 -3.25 8.12 6.60
C THR A 34 -2.09 9.01 6.14
N PHE A 35 -0.99 8.39 5.65
CA PHE A 35 0.18 8.98 5.00
C PHE A 35 1.01 9.97 5.84
N LEU A 36 0.46 10.56 6.90
CA LEU A 36 1.19 11.35 7.90
C LEU A 36 2.44 10.62 8.44
N PRO A 37 2.37 9.34 8.89
CA PRO A 37 3.57 8.56 9.18
C PRO A 37 4.18 8.05 7.88
N GLY A 38 4.79 8.97 7.12
CA GLY A 38 5.21 8.85 5.72
C GLY A 38 5.92 7.56 5.37
N CYS A 39 6.63 6.99 6.35
CA CYS A 39 7.37 5.75 6.19
C CYS A 39 7.43 4.99 7.52
N ASP A 40 6.45 5.20 8.41
CA ASP A 40 6.28 4.69 9.78
C ASP A 40 7.47 4.75 10.76
N NH2 A 41 8.70 5.05 10.34
HN1 NH2 A 41 8.88 5.04 9.34
HN2 NH2 A 41 9.45 5.10 11.01
C ACE A 1 0.67 -0.97 -16.61
O ACE A 1 1.72 -0.42 -16.33
CH3 ACE A 1 0.51 -1.71 -17.93
H1 ACE A 1 1.47 -1.76 -18.43
H2 ACE A 1 0.16 -2.72 -17.75
H3 ACE A 1 -0.20 -1.18 -18.57
N LYS A 2 -0.41 -0.94 -15.80
CA LYS A 2 -0.38 -0.44 -14.43
C LYS A 2 -0.55 -1.63 -13.48
N GLU A 3 -0.27 -1.43 -12.18
CA GLU A 3 -0.35 -2.45 -11.14
C GLU A 3 -1.76 -3.04 -10.98
N HIS A 4 -2.81 -2.39 -11.50
CA HIS A 4 -4.20 -2.85 -11.45
C HIS A 4 -4.58 -3.33 -10.06
N CYS A 5 -5.08 -4.55 -9.93
CA CYS A 5 -5.37 -5.19 -8.67
C CYS A 5 -4.09 -5.55 -7.90
N GLY A 6 -3.58 -4.58 -7.15
CA GLY A 6 -2.44 -4.76 -6.27
C GLY A 6 -2.79 -5.59 -5.04
N SER A 7 -3.67 -5.09 -4.17
CA SER A 7 -3.99 -5.67 -2.85
C SER A 7 -2.76 -6.04 -1.99
N ILE A 8 -1.60 -5.43 -2.27
CA ILE A 8 -0.37 -5.59 -1.49
C ILE A 8 -0.67 -5.22 -0.03
N LEU A 9 0.04 -5.85 0.90
CA LEU A 9 -0.11 -5.60 2.33
C LEU A 9 1.29 -5.49 2.91
N HIS A 10 1.52 -4.42 3.69
CA HIS A 10 2.80 -4.01 4.29
C HIS A 10 3.89 -3.74 3.24
N GLY A 11 4.91 -3.04 3.69
CA GLY A 11 6.13 -2.75 2.94
C GLY A 11 7.30 -2.39 3.85
N THR A 12 7.33 -2.91 5.09
CA THR A 12 8.40 -2.65 6.06
C THR A 12 8.67 -3.89 6.91
N TRP A 13 9.92 -3.99 7.38
CA TRP A 13 10.37 -4.93 8.40
C TRP A 13 10.03 -4.38 9.80
N LEU A 14 10.55 -5.03 10.84
CA LEU A 14 10.22 -4.75 12.24
C LEU A 14 8.69 -4.98 12.43
N PRO A 15 7.95 -4.47 13.44
CA PRO A 15 6.50 -4.61 13.48
C PRO A 15 5.78 -3.71 12.44
N LYS A 16 6.37 -3.55 11.24
CA LYS A 16 5.93 -2.74 10.11
C LYS A 16 5.88 -1.26 10.48
N LYS A 17 5.58 -0.39 9.50
CA LYS A 17 5.36 1.04 9.69
C LYS A 17 4.05 1.50 9.03
N CYS A 18 3.62 0.95 7.89
CA CYS A 18 2.29 1.17 7.35
C CYS A 18 1.91 -0.10 6.58
N SER A 19 0.63 -0.24 6.21
CA SER A 19 0.16 -1.34 5.39
C SER A 19 -1.28 -1.12 4.92
N LEU A 20 -1.47 -0.82 3.64
CA LEU A 20 -2.74 -1.07 2.96
C LEU A 20 -2.53 -1.13 1.45
N CYS A 21 -3.37 -1.89 0.74
CA CYS A 21 -3.66 -1.63 -0.66
C CYS A 21 -5.05 -2.18 -0.95
N ARG A 22 -5.60 -1.84 -2.12
CA ARG A 22 -6.89 -2.34 -2.58
C ARG A 22 -6.86 -2.62 -4.07
N CYS A 23 -7.14 -3.87 -4.45
CA CYS A 23 -7.75 -4.19 -5.73
C CYS A 23 -9.13 -3.54 -5.77
N TRP A 24 -9.20 -2.26 -6.17
CA TRP A 24 -10.44 -1.65 -6.64
C TRP A 24 -10.40 -1.46 -8.16
N HIS A 25 -9.22 -1.67 -8.78
CA HIS A 25 -8.91 -1.73 -10.22
C HIS A 25 -9.17 -0.42 -10.97
N GLY A 26 -10.27 0.28 -10.70
CA GLY A 26 -10.47 1.67 -11.05
C GLY A 26 -9.79 2.60 -10.04
N GLN A 27 -9.27 2.06 -8.91
CA GLN A 27 -8.43 2.82 -8.01
C GLN A 27 -7.35 1.87 -7.46
N LEU A 28 -6.23 2.50 -7.09
CA LEU A 28 -5.17 1.99 -6.25
C LEU A 28 -4.96 3.03 -5.16
N HIS A 29 -4.16 4.07 -5.43
CA HIS A 29 -3.30 4.75 -4.46
C HIS A 29 -2.51 3.72 -3.68
N CYS A 30 -3.17 3.03 -2.73
CA CYS A 30 -2.59 2.14 -1.74
C CYS A 30 -1.64 2.88 -0.82
N LEU A 31 -1.31 2.24 0.30
CA LEU A 31 -0.28 2.65 1.24
C LEU A 31 0.42 1.41 1.84
N PRO A 32 1.09 0.60 1.01
CA PRO A 32 1.74 -0.62 1.44
C PRO A 32 2.88 -0.26 2.40
N GLN A 33 3.60 0.82 2.08
CA GLN A 33 4.38 1.60 3.04
C GLN A 33 4.07 3.08 2.76
N THR A 34 4.96 3.80 2.08
CA THR A 34 4.87 5.25 1.92
C THR A 34 4.71 5.56 0.43
N PHE A 35 3.60 5.11 -0.17
CA PHE A 35 3.25 5.46 -1.54
C PHE A 35 2.86 6.94 -1.65
N LEU A 36 2.47 7.55 -0.52
CA LEU A 36 2.30 8.97 -0.32
C LEU A 36 3.03 9.28 1.00
N PRO A 37 3.75 10.40 1.13
CA PRO A 37 4.42 10.80 2.38
C PRO A 37 3.39 11.24 3.44
N GLY A 38 2.64 10.27 3.95
CA GLY A 38 1.57 10.44 4.91
C GLY A 38 1.45 9.27 5.88
N CYS A 39 2.48 8.42 5.95
CA CYS A 39 2.35 7.07 6.43
C CYS A 39 3.71 6.58 6.97
N ASP A 40 4.24 7.31 7.95
CA ASP A 40 5.46 6.96 8.68
C ASP A 40 5.32 5.70 9.53
N NH2 A 41 4.10 5.17 9.70
HN1 NH2 A 41 3.30 5.60 9.27
HN2 NH2 A 41 4.00 4.26 10.15
C ACE A 1 -16.10 -2.79 -13.16
O ACE A 1 -14.90 -2.98 -13.35
CH3 ACE A 1 -17.14 -3.55 -13.95
H1 ACE A 1 -16.66 -4.16 -14.71
H2 ACE A 1 -17.71 -4.21 -13.28
H3 ACE A 1 -17.82 -2.86 -14.44
N LYS A 2 -16.54 -1.94 -12.22
CA LYS A 2 -15.69 -1.04 -11.43
C LYS A 2 -14.74 -1.74 -10.43
N GLU A 3 -14.48 -3.03 -10.60
CA GLU A 3 -13.65 -3.85 -9.73
C GLU A 3 -12.18 -3.39 -9.80
N HIS A 4 -11.53 -3.52 -10.97
CA HIS A 4 -10.07 -3.39 -11.14
C HIS A 4 -9.38 -4.59 -10.44
N CYS A 5 -8.05 -4.66 -10.42
CA CYS A 5 -7.31 -5.74 -9.75
C CYS A 5 -7.13 -5.42 -8.26
N GLY A 6 -6.37 -6.26 -7.53
CA GLY A 6 -5.85 -5.95 -6.22
C GLY A 6 -4.57 -6.74 -6.00
N SER A 7 -3.50 -6.10 -5.49
CA SER A 7 -2.27 -6.72 -5.04
C SER A 7 -2.12 -6.40 -3.55
N ILE A 8 -1.34 -7.23 -2.86
CA ILE A 8 -1.13 -7.25 -1.41
C ILE A 8 0.34 -6.97 -1.09
N LEU A 9 0.61 -6.45 0.11
CA LEU A 9 1.91 -6.01 0.62
C LEU A 9 1.83 -5.88 2.16
N HIS A 10 2.89 -5.34 2.79
CA HIS A 10 3.28 -5.26 4.22
C HIS A 10 4.81 -5.23 4.26
N GLY A 11 5.37 -4.05 4.56
CA GLY A 11 6.79 -3.79 4.55
C GLY A 11 7.00 -2.30 4.30
N THR A 12 7.38 -1.55 5.34
CA THR A 12 7.74 -0.14 5.26
C THR A 12 8.99 0.03 6.10
N TRP A 13 10.12 0.33 5.47
CA TRP A 13 11.42 0.45 6.14
C TRP A 13 11.49 1.74 6.97
N LEU A 14 12.61 1.91 7.70
CA LEU A 14 12.69 2.76 8.90
C LEU A 14 11.64 2.28 9.94
N PRO A 15 11.47 2.91 11.11
CA PRO A 15 10.40 2.54 12.03
C PRO A 15 9.05 3.08 11.50
N LYS A 16 8.60 2.55 10.35
CA LYS A 16 7.27 2.82 9.83
C LYS A 16 6.34 1.64 10.18
N LYS A 17 6.66 0.45 9.64
CA LYS A 17 5.90 -0.81 9.67
C LYS A 17 4.46 -0.64 9.20
N CYS A 18 4.18 -0.85 7.90
CA CYS A 18 2.90 -0.62 7.28
C CYS A 18 2.95 -1.33 5.92
N SER A 19 2.28 -0.79 4.90
CA SER A 19 2.24 -1.22 3.50
C SER A 19 1.11 -2.23 3.28
N LEU A 20 0.37 -2.08 2.17
CA LEU A 20 -0.70 -3.01 1.84
C LEU A 20 -0.92 -3.17 0.33
N CYS A 21 -0.76 -2.11 -0.47
CA CYS A 21 -0.96 -2.12 -1.93
C CYS A 21 -2.42 -2.38 -2.32
N ARG A 22 -2.74 -2.27 -3.62
CA ARG A 22 -4.12 -2.38 -4.14
C ARG A 22 -4.22 -2.26 -5.68
N CYS A 23 -3.39 -3.00 -6.45
CA CYS A 23 -3.36 -3.06 -7.93
C CYS A 23 -4.45 -2.24 -8.64
N TRP A 24 -4.14 -1.05 -9.12
CA TRP A 24 -5.08 -0.26 -9.89
C TRP A 24 -5.23 -0.84 -11.29
N HIS A 25 -6.31 -0.39 -11.95
CA HIS A 25 -6.57 -0.46 -13.38
C HIS A 25 -5.26 -0.15 -14.16
N GLY A 26 -4.53 -1.19 -14.58
CA GLY A 26 -3.33 -1.08 -15.40
C GLY A 26 -2.05 -0.61 -14.67
N GLN A 27 -2.05 -0.48 -13.33
CA GLN A 27 -0.90 0.05 -12.59
C GLN A 27 -0.80 -0.65 -11.24
N LEU A 28 0.40 -1.01 -10.79
CA LEU A 28 0.55 -1.67 -9.49
C LEU A 28 0.09 -0.78 -8.33
N HIS A 29 0.24 0.55 -8.50
CA HIS A 29 -0.29 1.67 -7.73
C HIS A 29 -0.59 1.33 -6.27
N CYS A 30 0.44 0.91 -5.54
CA CYS A 30 0.28 0.61 -4.12
C CYS A 30 -0.08 1.87 -3.34
N LEU A 31 -0.56 1.66 -2.11
CA LEU A 31 -0.46 2.63 -1.04
C LEU A 31 -0.26 1.86 0.27
N PRO A 32 0.33 2.49 1.31
CA PRO A 32 0.61 1.81 2.56
C PRO A 32 -0.36 2.11 3.71
N GLN A 33 -0.65 3.39 3.98
CA GLN A 33 -1.31 4.01 5.16
C GLN A 33 -0.30 4.62 6.12
N THR A 34 1.01 4.61 5.81
CA THR A 34 1.93 5.55 6.45
C THR A 34 1.55 6.96 6.02
N PHE A 35 2.05 7.41 4.86
CA PHE A 35 2.09 8.80 4.40
C PHE A 35 2.84 9.75 5.35
N LEU A 36 2.50 9.80 6.65
CA LEU A 36 3.17 10.60 7.69
C LEU A 36 3.39 9.78 8.98
N PRO A 37 2.35 9.37 9.75
CA PRO A 37 2.47 8.45 10.88
C PRO A 37 2.95 7.13 10.36
N GLY A 38 3.66 6.34 11.19
CA GLY A 38 4.20 5.04 10.82
C GLY A 38 3.20 4.21 10.02
N CYS A 39 1.93 4.27 10.43
CA CYS A 39 0.86 3.46 9.87
C CYS A 39 -0.46 3.89 10.51
N ASP A 40 -1.09 4.92 9.94
CA ASP A 40 -2.48 5.26 10.22
C ASP A 40 -3.11 5.92 8.99
N NH2 A 41 -2.69 7.14 8.65
HN1 NH2 A 41 -1.99 7.61 9.18
HN2 NH2 A 41 -3.09 7.57 7.82
C ACE A 1 -10.45 -6.85 -18.09
O ACE A 1 -10.87 -5.71 -18.28
CH3 ACE A 1 -9.62 -7.55 -19.16
H1 ACE A 1 -9.52 -6.87 -20.02
H2 ACE A 1 -8.64 -7.79 -18.78
H3 ACE A 1 -10.13 -8.46 -19.49
N LYS A 2 -10.71 -7.55 -16.97
CA LYS A 2 -11.47 -7.03 -15.85
C LYS A 2 -11.00 -7.56 -14.49
N GLU A 3 -9.74 -8.01 -14.41
CA GLU A 3 -9.08 -8.45 -13.19
C GLU A 3 -8.96 -7.31 -12.15
N HIS A 4 -8.47 -7.64 -10.95
CA HIS A 4 -8.37 -6.75 -9.80
C HIS A 4 -6.97 -6.91 -9.19
N CYS A 5 -6.61 -6.02 -8.26
CA CYS A 5 -5.27 -5.91 -7.69
C CYS A 5 -5.33 -5.81 -6.15
N GLY A 6 -5.52 -4.62 -5.57
CA GLY A 6 -5.67 -4.42 -4.12
C GLY A 6 -4.35 -4.56 -3.35
N SER A 7 -3.28 -3.84 -3.72
CA SER A 7 -1.95 -4.37 -3.49
C SER A 7 -1.31 -3.87 -2.19
N ILE A 8 -1.78 -4.34 -1.03
CA ILE A 8 -1.20 -3.95 0.25
C ILE A 8 0.29 -4.30 0.34
N LEU A 9 1.13 -3.32 0.65
CA LEU A 9 2.60 -3.46 0.76
C LEU A 9 3.05 -3.70 2.20
N HIS A 10 2.66 -2.84 3.15
CA HIS A 10 2.71 -3.05 4.60
C HIS A 10 4.03 -3.57 5.19
N GLY A 11 5.17 -3.28 4.56
CA GLY A 11 6.46 -3.90 4.83
C GLY A 11 7.55 -2.85 4.70
N THR A 12 8.30 -2.62 5.78
CA THR A 12 9.26 -1.53 5.92
C THR A 12 10.42 -2.06 6.76
N TRP A 13 11.55 -1.34 6.80
CA TRP A 13 12.61 -1.57 7.78
C TRP A 13 12.11 -1.23 9.20
N LEU A 14 12.93 -1.57 10.23
CA LEU A 14 12.48 -1.70 11.61
C LEU A 14 11.34 -2.76 11.69
N PRO A 15 10.58 -2.96 12.79
CA PRO A 15 9.46 -3.90 12.78
C PRO A 15 8.26 -3.30 12.01
N LYS A 16 8.47 -3.04 10.72
CA LYS A 16 7.67 -2.28 9.74
C LYS A 16 7.20 -0.90 10.22
N LYS A 17 6.61 -0.15 9.29
CA LYS A 17 5.83 1.06 9.52
C LYS A 17 4.53 1.03 8.71
N CYS A 18 4.12 -0.16 8.25
CA CYS A 18 2.88 -0.43 7.53
C CYS A 18 2.78 0.34 6.20
N SER A 19 3.84 0.20 5.40
CA SER A 19 4.04 0.71 4.04
C SER A 19 2.76 0.82 3.20
N LEU A 20 2.42 2.05 2.79
CA LEU A 20 1.26 2.31 1.96
C LEU A 20 1.47 1.81 0.53
N CYS A 21 0.71 0.77 0.17
CA CYS A 21 0.27 0.49 -1.18
C CYS A 21 -1.13 -0.12 -1.04
N ARG A 22 -1.88 -0.13 -2.15
CA ARG A 22 -3.17 -0.72 -2.43
C ARG A 22 -3.34 -0.50 -3.94
N CYS A 23 -4.37 -1.09 -4.53
CA CYS A 23 -4.69 -0.85 -5.94
C CYS A 23 -6.21 -1.04 -6.10
N TRP A 24 -6.96 0.05 -6.22
CA TRP A 24 -8.41 -0.02 -6.26
C TRP A 24 -8.84 -0.39 -7.67
N HIS A 25 -8.90 -1.70 -7.94
CA HIS A 25 -9.27 -2.35 -9.21
C HIS A 25 -8.34 -2.04 -10.40
N GLY A 26 -7.54 -0.97 -10.32
CA GLY A 26 -6.60 -0.47 -11.31
C GLY A 26 -6.12 0.94 -10.95
N GLN A 27 -6.86 1.70 -10.13
CA GLN A 27 -6.44 2.98 -9.59
C GLN A 27 -5.50 2.80 -8.39
N LEU A 28 -4.88 3.89 -7.96
CA LEU A 28 -3.82 3.97 -6.95
C LEU A 28 -2.52 3.33 -7.47
N HIS A 29 -1.55 3.09 -6.58
CA HIS A 29 -0.24 2.46 -6.75
C HIS A 29 0.50 2.57 -5.40
N CYS A 30 1.69 1.97 -5.30
CA CYS A 30 2.47 1.98 -4.08
C CYS A 30 3.09 3.36 -3.86
N LEU A 31 2.93 3.89 -2.65
CA LEU A 31 3.55 5.15 -2.21
C LEU A 31 3.80 5.08 -0.69
N PRO A 32 4.84 4.36 -0.24
CA PRO A 32 5.16 4.12 1.16
C PRO A 32 5.80 5.34 1.86
N GLN A 33 5.77 6.52 1.23
CA GLN A 33 6.31 7.81 1.67
C GLN A 33 5.43 8.40 2.79
N THR A 34 4.91 7.54 3.67
CA THR A 34 3.78 7.69 4.57
C THR A 34 2.50 8.15 3.85
N PHE A 35 2.50 9.34 3.23
CA PHE A 35 1.42 10.02 2.53
C PHE A 35 0.10 10.06 3.32
N LEU A 36 -0.65 8.95 3.34
CA LEU A 36 -1.91 8.78 4.06
C LEU A 36 -1.89 7.36 4.67
N PRO A 37 -1.08 7.12 5.73
CA PRO A 37 -0.57 5.80 6.08
C PRO A 37 -1.60 4.92 6.80
N GLY A 38 -2.68 4.56 6.10
CA GLY A 38 -3.86 3.94 6.69
C GLY A 38 -3.73 2.48 7.05
N CYS A 39 -2.63 1.83 6.66
CA CYS A 39 -2.26 0.49 7.09
C CYS A 39 -3.26 -0.62 6.71
N ASP A 40 -4.22 -0.29 5.85
CA ASP A 40 -5.31 -1.17 5.44
C ASP A 40 -4.80 -2.28 4.51
N NH2 A 41 -4.26 -3.35 5.09
HN1 NH2 A 41 -4.10 -3.33 6.08
HN2 NH2 A 41 -3.91 -4.11 4.52
C ACE A 1 -12.67 0.89 -11.53
O ACE A 1 -13.55 0.04 -11.60
CH3 ACE A 1 -12.92 2.19 -10.78
H1 ACE A 1 -13.85 2.11 -10.21
H2 ACE A 1 -12.10 2.39 -10.08
H3 ACE A 1 -13.01 3.01 -11.49
N LYS A 2 -11.47 0.74 -12.09
CA LYS A 2 -11.09 -0.38 -12.98
C LYS A 2 -10.00 -1.23 -12.33
N GLU A 3 -9.15 -1.87 -13.14
CA GLU A 3 -7.89 -2.55 -12.83
C GLU A 3 -8.02 -3.73 -11.85
N HIS A 4 -8.31 -3.48 -10.58
CA HIS A 4 -8.40 -4.43 -9.44
C HIS A 4 -7.38 -5.58 -9.51
N CYS A 5 -6.16 -5.35 -9.03
CA CYS A 5 -5.11 -6.37 -8.93
C CYS A 5 -4.48 -6.39 -7.54
N GLY A 6 -5.31 -6.35 -6.49
CA GLY A 6 -4.83 -6.18 -5.13
C GLY A 6 -5.75 -5.27 -4.31
N SER A 7 -5.16 -4.33 -3.54
CA SER A 7 -5.86 -3.39 -2.68
C SER A 7 -4.82 -2.53 -1.97
N ILE A 8 -5.24 -1.35 -1.52
CA ILE A 8 -4.52 -0.57 -0.52
C ILE A 8 -4.23 -1.48 0.65
N LEU A 9 -2.99 -1.41 1.11
CA LEU A 9 -2.41 -2.23 2.16
C LEU A 9 -1.44 -1.36 2.95
N HIS A 10 -0.13 -1.58 2.89
CA HIS A 10 0.74 -1.24 4.02
C HIS A 10 2.08 -0.75 3.45
N GLY A 11 2.83 0.07 4.19
CA GLY A 11 4.17 0.45 3.78
C GLY A 11 4.85 1.27 4.85
N THR A 12 4.87 2.60 4.68
CA THR A 12 5.30 3.59 5.66
C THR A 12 6.84 3.64 5.80
N TRP A 13 7.48 2.47 5.68
CA TRP A 13 8.92 2.17 5.61
C TRP A 13 9.70 2.50 6.87
N LEU A 14 10.92 1.96 6.96
CA LEU A 14 11.62 1.76 8.23
C LEU A 14 10.69 0.97 9.21
N PRO A 15 11.01 0.78 10.51
CA PRO A 15 10.11 0.09 11.42
C PRO A 15 8.92 1.01 11.77
N LYS A 16 7.90 1.08 10.89
CA LYS A 16 6.70 1.87 11.10
C LYS A 16 5.57 1.04 11.66
N LYS A 17 4.83 0.31 10.82
CA LYS A 17 3.71 -0.46 11.32
C LYS A 17 3.58 -1.75 10.52
N CYS A 18 3.32 -1.71 9.21
CA CYS A 18 3.37 -2.90 8.39
C CYS A 18 3.61 -2.48 6.95
N SER A 19 4.03 -3.41 6.08
CA SER A 19 4.25 -3.16 4.66
C SER A 19 3.74 -4.30 3.80
N LEU A 20 3.28 -3.91 2.60
CA LEU A 20 2.54 -4.68 1.62
C LEU A 20 1.99 -3.76 0.54
N CYS A 21 2.61 -3.80 -0.64
CA CYS A 21 1.98 -3.49 -1.91
C CYS A 21 0.92 -4.57 -2.19
N ARG A 22 -0.31 -4.23 -2.59
CA ARG A 22 -0.97 -4.85 -3.74
C ARG A 22 -1.70 -3.74 -4.50
N CYS A 23 -2.13 -3.99 -5.74
CA CYS A 23 -2.68 -2.96 -6.64
C CYS A 23 -4.16 -2.60 -6.42
N TRP A 24 -4.52 -1.30 -6.37
CA TRP A 24 -5.86 -0.93 -5.97
C TRP A 24 -6.87 -1.04 -7.14
N HIS A 25 -8.15 -0.78 -6.86
CA HIS A 25 -9.26 -0.90 -7.79
C HIS A 25 -9.31 0.30 -8.75
N GLY A 26 -8.20 0.60 -9.43
CA GLY A 26 -8.23 1.50 -10.58
C GLY A 26 -6.90 2.20 -10.88
N GLN A 27 -5.96 2.18 -9.95
CA GLN A 27 -4.62 2.74 -10.07
C GLN A 27 -3.77 1.93 -9.11
N LEU A 28 -2.46 1.88 -9.35
CA LEU A 28 -1.57 0.99 -8.64
C LEU A 28 -1.67 1.16 -7.12
N HIS A 29 -1.26 2.30 -6.56
CA HIS A 29 -1.20 2.58 -5.12
C HIS A 29 -0.76 1.37 -4.29
N CYS A 30 0.46 0.92 -4.54
CA CYS A 30 1.17 -0.13 -3.84
C CYS A 30 2.63 0.29 -3.88
N LEU A 31 3.25 0.34 -2.71
CA LEU A 31 4.66 0.56 -2.50
C LEU A 31 4.85 0.53 -0.98
N PRO A 32 5.87 -0.15 -0.45
CA PRO A 32 6.11 -0.17 0.98
C PRO A 32 6.69 1.16 1.51
N GLN A 33 6.83 2.20 0.65
CA GLN A 33 7.31 3.53 1.02
C GLN A 33 6.15 4.46 1.37
N THR A 34 5.69 5.29 0.42
CA THR A 34 4.68 6.33 0.67
C THR A 34 3.31 5.69 0.87
N PHE A 35 3.10 5.22 2.10
CA PHE A 35 1.96 4.40 2.46
C PHE A 35 1.52 4.64 3.90
N LEU A 36 1.82 5.85 4.41
CA LEU A 36 1.27 6.35 5.67
C LEU A 36 -0.25 6.06 5.75
N PRO A 37 -1.07 6.43 4.73
CA PRO A 37 -2.44 5.94 4.66
C PRO A 37 -2.44 4.48 4.23
N GLY A 38 -2.60 3.60 5.22
CA GLY A 38 -2.55 2.17 5.06
C GLY A 38 -2.06 1.51 6.32
N CYS A 39 -1.01 2.06 6.93
CA CYS A 39 -0.40 1.46 8.11
C CYS A 39 0.44 2.51 8.85
N ASP A 40 -0.29 3.39 9.52
CA ASP A 40 0.16 4.41 10.49
C ASP A 40 1.46 5.10 10.08
N NH2 A 41 1.44 5.81 8.96
HN1 NH2 A 41 0.60 5.82 8.39
HN2 NH2 A 41 2.27 6.29 8.67
C ACE A 1 -16.60 -4.52 -14.86
O ACE A 1 -15.57 -4.95 -15.38
CH3 ACE A 1 -17.91 -5.27 -15.00
H1 ACE A 1 -17.74 -6.19 -15.58
H2 ACE A 1 -18.30 -5.55 -14.02
H3 ACE A 1 -18.64 -4.66 -15.53
N LYS A 2 -16.63 -3.40 -14.12
CA LYS A 2 -15.45 -2.56 -13.85
C LYS A 2 -14.97 -2.82 -12.42
N GLU A 3 -14.36 -3.99 -12.23
CA GLU A 3 -13.68 -4.45 -11.02
C GLU A 3 -12.36 -3.69 -10.82
N HIS A 4 -11.71 -3.88 -9.66
CA HIS A 4 -10.55 -3.09 -9.23
C HIS A 4 -9.51 -4.06 -8.68
N CYS A 5 -8.30 -4.05 -9.24
CA CYS A 5 -7.15 -4.70 -8.63
C CYS A 5 -6.87 -4.10 -7.24
N GLY A 6 -6.20 -4.85 -6.36
CA GLY A 6 -5.79 -4.47 -5.01
C GLY A 6 -4.85 -5.53 -4.44
N SER A 7 -3.68 -5.16 -3.88
CA SER A 7 -2.94 -6.05 -3.00
C SER A 7 -2.28 -5.18 -1.94
N ILE A 8 -2.05 -5.71 -0.74
CA ILE A 8 -1.41 -5.04 0.39
C ILE A 8 -0.40 -6.02 1.00
N LEU A 9 0.69 -5.50 1.57
CA LEU A 9 1.91 -6.24 1.91
C LEU A 9 2.30 -6.05 3.37
N HIS A 10 2.34 -4.82 3.92
CA HIS A 10 2.66 -4.57 5.36
C HIS A 10 4.12 -4.84 5.70
N GLY A 11 5.00 -4.83 4.71
CA GLY A 11 6.44 -4.89 4.84
C GLY A 11 7.06 -3.74 4.05
N THR A 12 6.84 -2.50 4.50
CA THR A 12 7.70 -1.39 4.11
C THR A 12 9.11 -1.66 4.66
N TRP A 13 10.14 -1.09 4.03
CA TRP A 13 11.50 -1.18 4.54
C TRP A 13 11.67 -0.33 5.81
N LEU A 14 12.85 -0.38 6.45
CA LEU A 14 13.07 0.13 7.80
C LEU A 14 12.05 -0.59 8.74
N PRO A 15 11.63 -0.10 9.92
CA PRO A 15 10.79 -0.87 10.84
C PRO A 15 9.31 -0.97 10.40
N LYS A 16 9.06 -0.98 9.07
CA LYS A 16 7.79 -0.81 8.35
C LYS A 16 6.96 0.41 8.82
N LYS A 17 5.85 0.66 8.14
CA LYS A 17 4.91 1.72 8.51
C LYS A 17 3.44 1.33 8.25
N CYS A 18 3.08 0.07 8.52
CA CYS A 18 1.74 -0.52 8.55
C CYS A 18 1.39 -1.11 7.19
N SER A 19 1.83 -0.47 6.12
CA SER A 19 1.76 -1.04 4.79
C SER A 19 2.97 -0.78 3.94
N LEU A 20 3.10 -1.69 2.99
CA LEU A 20 3.47 -1.47 1.62
C LEU A 20 2.30 -2.11 0.84
N CYS A 21 2.21 -1.79 -0.45
CA CYS A 21 1.21 -2.20 -1.40
C CYS A 21 -0.22 -1.68 -1.15
N ARG A 22 -0.84 -1.41 -2.29
CA ARG A 22 -2.20 -1.15 -2.69
C ARG A 22 -2.23 -1.73 -4.12
N CYS A 23 -3.30 -1.51 -4.86
CA CYS A 23 -3.16 -1.45 -6.31
C CYS A 23 -3.65 -0.06 -6.74
N TRP A 24 -3.11 0.48 -7.82
CA TRP A 24 -3.67 1.67 -8.50
C TRP A 24 -4.93 1.29 -9.30
N HIS A 25 -5.34 0.02 -9.26
CA HIS A 25 -6.59 -0.56 -9.78
C HIS A 25 -6.51 -0.80 -11.29
N GLY A 26 -5.90 0.12 -12.05
CA GLY A 26 -5.57 -0.04 -13.47
C GLY A 26 -4.06 -0.26 -13.71
N GLN A 27 -3.24 -0.17 -12.67
CA GLN A 27 -1.82 -0.49 -12.64
C GLN A 27 -1.55 -0.98 -11.22
N LEU A 28 -0.55 -1.84 -11.03
CA LEU A 28 -0.18 -2.31 -9.71
C LEU A 28 0.36 -1.15 -8.86
N HIS A 29 1.54 -0.64 -9.22
CA HIS A 29 2.39 0.28 -8.47
C HIS A 29 2.83 -0.27 -7.11
N CYS A 30 1.91 -0.63 -6.21
CA CYS A 30 2.09 -0.76 -4.76
C CYS A 30 2.57 0.53 -4.12
N LEU A 31 1.87 0.97 -3.07
CA LEU A 31 2.36 1.92 -2.08
C LEU A 31 1.52 1.68 -0.81
N PRO A 32 1.97 2.06 0.41
CA PRO A 32 1.27 1.77 1.68
C PRO A 32 -0.22 2.17 1.68
N GLN A 33 -0.58 3.21 0.91
CA GLN A 33 -1.85 3.93 0.81
C GLN A 33 -2.17 4.71 2.09
N THR A 34 -1.96 4.11 3.25
CA THR A 34 -1.83 4.78 4.53
C THR A 34 -0.44 5.43 4.53
N PHE A 35 -0.28 6.50 3.75
CA PHE A 35 0.98 7.20 3.60
C PHE A 35 1.27 8.04 4.85
N LEU A 36 0.51 9.12 5.06
CA LEU A 36 0.75 10.09 6.13
C LEU A 36 -0.09 9.79 7.38
N PRO A 37 -1.43 9.69 7.32
CA PRO A 37 -2.24 9.64 8.53
C PRO A 37 -2.26 8.22 9.12
N GLY A 38 -2.72 8.10 10.37
CA GLY A 38 -3.05 6.85 11.04
C GLY A 38 -1.84 6.04 11.50
N CYS A 39 -0.71 6.18 10.81
CA CYS A 39 0.48 5.38 11.01
C CYS A 39 1.64 6.05 10.27
N ASP A 40 2.12 7.15 10.87
CA ASP A 40 3.39 7.83 10.63
C ASP A 40 3.83 7.81 9.16
N NH2 A 41 3.01 8.40 8.28
HN1 NH2 A 41 2.14 8.81 8.59
HN2 NH2 A 41 3.19 8.31 7.29
#